data_1B9J
#
_entry.id   1B9J
#
_cell.length_a   110.045
_cell.length_b   75.580
_cell.length_c   70.455
_cell.angle_alpha   90.00
_cell.angle_beta   90.00
_cell.angle_gamma   90.00
#
_symmetry.space_group_name_H-M   'P 21 21 21'
#
loop_
_entity.id
_entity.type
_entity.pdbx_description
1 polymer 'PROTEIN (OLIGO-PEPTIDE BINDING PROTEIN)'
2 polymer 'PROTEIN (LYS-LEU-LYS)'
3 non-polymer 'URANYL (VI) ION'
4 water water
#
loop_
_entity_poly.entity_id
_entity_poly.type
_entity_poly.pdbx_seq_one_letter_code
_entity_poly.pdbx_strand_id
1 'polypeptide(L)'
;ADVPAGVQLADKQTLVRNNGSEVQSLDPHKIEGVPESNVSRDLFEGLLISDVEGHPSPGVAEKWENKDFKVWTFHLRENA
KWSDGTPVTAHDFVYSWQRLADPNTASPYASYLQYGHIANIDDIIAGKKPATDLGVKALDDHTFEVTLSEPVPYFYKLLV
HPSVSPVPKSAVEKFGDKWTQPANIVTNGAYKLKNWVVNERIVLERNPQYWDNAKTVINQVTYLPISSEVTDVNRYRSGE
IDMTYNNMPIELFQKLKKEIPNEVRVDPYLCTYYYEINNQKAPFNDVRVRTALKLALDRDIIVNKVKNQGDLPAYSYTPP
YTDGAKLVEPEWFKWSQQKRNEEAKKLLAEAGFTADKPLTFDLLYNTSDLHKKLAIAVASIWKKNLGVNVNLENQEWKTF
LDTRHQGTFDVARAGWCADYNEPTSFLNTMLSDSSNNTAHYKSPAFDKLIADTLKVADDTQRSELYAKAEQQLDKDSAIV
PVYYYVNARLVKPWVGGYTGKDPLDNIYVKNLYIIKH
;
A
2 'polypeptide(L)' KLK B
#
# COMPACT_ATOMS: atom_id res chain seq x y z
N ALA A 1 -9.67 -3.28 -21.71
CA ALA A 1 -11.01 -3.46 -21.16
C ALA A 1 -11.74 -4.50 -22.02
N ASP A 2 -12.69 -5.16 -21.41
CA ASP A 2 -13.52 -6.13 -22.14
C ASP A 2 -14.94 -5.61 -22.08
N VAL A 3 -15.37 -4.86 -23.08
CA VAL A 3 -16.70 -4.27 -23.08
C VAL A 3 -17.77 -5.31 -23.41
N PRO A 4 -18.67 -5.56 -22.47
CA PRO A 4 -19.75 -6.54 -22.63
C PRO A 4 -20.62 -6.27 -23.85
N ALA A 5 -21.08 -7.34 -24.49
CA ALA A 5 -21.93 -7.25 -25.67
C ALA A 5 -23.12 -6.35 -25.38
N GLY A 6 -23.49 -5.46 -26.32
CA GLY A 6 -24.64 -4.62 -26.05
C GLY A 6 -24.43 -3.36 -25.26
N VAL A 7 -23.29 -3.11 -24.58
CA VAL A 7 -23.21 -1.82 -23.89
C VAL A 7 -22.86 -0.82 -25.01
N GLN A 8 -23.48 0.33 -24.88
CA GLN A 8 -23.24 1.43 -25.81
C GLN A 8 -22.16 2.33 -25.17
N LEU A 9 -21.07 2.56 -25.87
CA LEU A 9 -20.03 3.41 -25.28
C LEU A 9 -20.28 4.88 -25.51
N ALA A 10 -19.85 5.69 -24.54
CA ALA A 10 -19.94 7.13 -24.69
C ALA A 10 -19.04 7.53 -25.86
N ASP A 11 -19.38 8.63 -26.51
CA ASP A 11 -18.54 9.19 -27.58
C ASP A 11 -17.19 9.62 -26.98
N LYS A 12 -17.19 10.26 -25.82
CA LYS A 12 -15.95 10.72 -25.20
C LYS A 12 -15.53 9.75 -24.11
N GLN A 13 -14.33 9.19 -24.25
CA GLN A 13 -13.86 8.19 -23.29
C GLN A 13 -12.82 8.82 -22.37
N THR A 14 -13.28 9.64 -21.44
CA THR A 14 -12.36 10.32 -20.51
C THR A 14 -12.83 10.00 -19.09
N LEU A 15 -11.90 10.04 -18.17
CA LEU A 15 -12.15 9.67 -16.79
C LEU A 15 -11.44 10.62 -15.86
N VAL A 16 -12.16 10.97 -14.79
CA VAL A 16 -11.53 11.80 -13.74
C VAL A 16 -11.58 11.00 -12.44
N ARG A 17 -10.41 10.71 -11.85
CA ARG A 17 -10.39 9.98 -10.57
C ARG A 17 -9.81 10.81 -9.44
N ASN A 18 -10.34 10.76 -8.19
CA ASN A 18 -9.61 11.52 -7.16
C ASN A 18 -8.52 10.56 -6.67
N ASN A 19 -7.38 11.07 -6.22
CA ASN A 19 -6.27 10.16 -5.88
C ASN A 19 -5.75 10.40 -4.48
N GLY A 20 -6.55 11.11 -3.68
CA GLY A 20 -6.25 11.28 -2.26
C GLY A 20 -5.22 12.29 -1.87
N SER A 21 -4.15 12.51 -2.60
CA SER A 21 -3.15 13.48 -2.29
C SER A 21 -2.21 13.62 -3.48
N GLU A 22 -1.30 14.57 -3.32
CA GLU A 22 -0.28 14.74 -4.34
C GLU A 22 0.70 13.60 -4.19
N VAL A 23 1.05 12.95 -5.31
CA VAL A 23 1.99 11.84 -5.25
C VAL A 23 3.36 12.29 -4.74
N GLN A 24 4.07 11.36 -4.12
CA GLN A 24 5.43 11.58 -3.68
C GLN A 24 6.30 11.76 -4.95
N SER A 25 6.02 10.92 -5.94
CA SER A 25 6.90 10.87 -7.12
C SER A 25 6.22 10.04 -8.20
N LEU A 26 6.74 10.06 -9.43
CA LEU A 26 6.24 9.15 -10.46
C LEU A 26 7.32 8.10 -10.70
N ASP A 27 8.43 8.16 -9.96
CA ASP A 27 9.51 7.16 -10.17
C ASP A 27 9.18 5.91 -9.40
N PRO A 28 8.99 4.75 -10.06
CA PRO A 28 8.65 3.52 -9.39
C PRO A 28 9.54 3.14 -8.23
N HIS A 29 10.80 3.57 -8.21
CA HIS A 29 11.73 3.25 -7.14
C HIS A 29 11.69 4.26 -6.00
N LYS A 30 10.92 5.34 -6.12
CA LYS A 30 10.90 6.30 -4.99
C LYS A 30 9.53 6.32 -4.32
N ILE A 31 8.61 5.45 -4.68
CA ILE A 31 7.24 5.55 -4.13
C ILE A 31 6.90 4.43 -3.15
N GLU A 32 5.90 4.66 -2.30
CA GLU A 32 5.50 3.60 -1.36
C GLU A 32 4.01 3.65 -1.08
N GLY A 33 3.27 4.65 -1.60
CA GLY A 33 1.87 4.73 -1.17
C GLY A 33 0.83 4.30 -2.19
N VAL A 34 -0.42 4.29 -1.70
CA VAL A 34 -1.57 3.96 -2.55
C VAL A 34 -1.76 4.95 -3.68
N PRO A 35 -1.72 6.24 -3.40
CA PRO A 35 -1.90 7.24 -4.45
C PRO A 35 -0.81 7.11 -5.49
N GLU A 36 0.42 6.89 -5.04
CA GLU A 36 1.55 6.74 -5.98
C GLU A 36 1.34 5.55 -6.91
N SER A 37 0.93 4.44 -6.30
CA SER A 37 0.76 3.17 -7.00
C SER A 37 -0.42 3.23 -7.96
N ASN A 38 -1.42 4.04 -7.62
CA ASN A 38 -2.58 4.19 -8.50
C ASN A 38 -2.17 4.72 -9.88
N VAL A 39 -1.33 5.74 -9.85
CA VAL A 39 -0.84 6.36 -11.09
C VAL A 39 0.19 5.41 -11.70
N SER A 40 1.03 4.83 -10.84
CA SER A 40 2.07 3.93 -11.36
C SER A 40 1.49 2.79 -12.18
N ARG A 41 0.39 2.16 -11.83
CA ARG A 41 -0.10 1.04 -12.67
C ARG A 41 -0.51 1.46 -14.06
N ASP A 42 -0.91 2.72 -14.26
CA ASP A 42 -1.27 3.17 -15.61
C ASP A 42 -0.03 3.46 -16.47
N LEU A 43 1.09 3.80 -15.82
CA LEU A 43 2.27 4.17 -16.59
C LEU A 43 3.36 3.13 -16.77
N PHE A 44 3.65 2.31 -15.76
CA PHE A 44 4.75 1.37 -15.81
C PHE A 44 4.21 -0.03 -15.61
N GLU A 45 4.56 -0.94 -16.53
CA GLU A 45 4.05 -2.30 -16.40
C GLU A 45 5.19 -3.30 -16.15
N GLY A 46 5.02 -4.09 -15.10
CA GLY A 46 6.00 -5.10 -14.73
C GLY A 46 5.79 -6.43 -15.42
N LEU A 47 6.44 -7.46 -14.89
CA LEU A 47 6.40 -8.81 -15.45
C LEU A 47 4.96 -9.33 -15.50
N LEU A 48 4.28 -9.13 -14.36
CA LEU A 48 2.87 -9.56 -14.28
C LEU A 48 2.05 -8.33 -13.88
N ILE A 49 0.73 -8.39 -14.07
CA ILE A 49 -0.21 -7.37 -13.66
C ILE A 49 -1.38 -8.13 -12.99
N SER A 50 -2.27 -7.41 -12.35
CA SER A 50 -3.49 -7.97 -11.80
C SER A 50 -4.57 -7.95 -12.87
N ASP A 51 -5.42 -8.97 -13.01
CA ASP A 51 -6.52 -8.82 -13.97
C ASP A 51 -7.61 -8.00 -13.29
N VAL A 52 -8.83 -7.90 -13.83
CA VAL A 52 -9.87 -7.09 -13.22
C VAL A 52 -10.40 -7.63 -11.91
N GLU A 53 -10.14 -8.87 -11.54
CA GLU A 53 -10.60 -9.40 -10.25
C GLU A 53 -9.43 -9.53 -9.29
N GLY A 54 -8.25 -9.09 -9.71
CA GLY A 54 -7.05 -9.12 -8.91
C GLY A 54 -6.15 -10.32 -9.04
N HIS A 55 -6.43 -11.27 -9.94
CA HIS A 55 -5.53 -12.43 -10.12
C HIS A 55 -4.24 -12.03 -10.84
N PRO A 56 -3.09 -12.52 -10.35
CA PRO A 56 -1.81 -12.19 -10.97
C PRO A 56 -1.90 -12.71 -12.39
N SER A 57 -1.55 -11.94 -13.39
CA SER A 57 -1.75 -12.34 -14.78
C SER A 57 -0.60 -11.80 -15.61
N PRO A 58 -0.49 -12.24 -16.86
CA PRO A 58 0.62 -11.82 -17.71
C PRO A 58 0.70 -10.31 -17.86
N GLY A 59 1.91 -9.76 -17.73
CA GLY A 59 2.11 -8.30 -17.97
C GLY A 59 3.06 -8.23 -19.16
N VAL A 60 4.28 -7.74 -18.91
CA VAL A 60 5.30 -7.78 -19.95
C VAL A 60 5.67 -9.26 -20.14
N ALA A 61 5.69 -10.08 -19.10
CA ALA A 61 5.92 -11.52 -19.29
C ALA A 61 4.64 -12.21 -19.78
N GLU A 62 4.70 -12.90 -20.93
CA GLU A 62 3.53 -13.66 -21.39
C GLU A 62 3.46 -15.03 -20.71
N LYS A 63 4.61 -15.59 -20.34
CA LYS A 63 4.54 -16.89 -19.66
C LYS A 63 5.81 -17.08 -18.85
N TRP A 64 5.75 -17.94 -17.86
CA TRP A 64 6.86 -18.11 -16.92
C TRP A 64 6.87 -19.51 -16.33
N GLU A 65 8.06 -19.93 -15.89
CA GLU A 65 8.24 -21.21 -15.23
C GLU A 65 9.12 -21.04 -14.00
N ASN A 66 9.06 -22.04 -13.12
CA ASN A 66 9.97 -21.98 -11.98
C ASN A 66 10.61 -23.37 -11.82
N LYS A 67 11.79 -23.34 -11.24
CA LYS A 67 12.49 -24.59 -10.94
C LYS A 67 12.68 -24.59 -9.43
N ASP A 68 11.98 -25.50 -8.77
CA ASP A 68 11.99 -25.67 -7.34
C ASP A 68 11.58 -24.39 -6.62
N PHE A 69 10.78 -23.51 -7.21
CA PHE A 69 10.41 -22.22 -6.67
C PHE A 69 11.62 -21.35 -6.34
N LYS A 70 12.78 -21.59 -6.92
CA LYS A 70 13.99 -20.83 -6.65
C LYS A 70 14.53 -20.14 -7.89
N VAL A 71 14.33 -20.77 -9.07
CA VAL A 71 14.78 -20.09 -10.29
C VAL A 71 13.52 -19.88 -11.13
N TRP A 72 13.23 -18.60 -11.38
CA TRP A 72 12.04 -18.19 -12.09
C TRP A 72 12.42 -17.57 -13.41
N THR A 73 11.86 -18.10 -14.48
CA THR A 73 12.15 -17.68 -15.84
C THR A 73 10.95 -17.05 -16.51
N PHE A 74 11.11 -15.78 -16.89
CA PHE A 74 10.00 -15.05 -17.49
C PHE A 74 10.22 -14.83 -18.99
N HIS A 75 9.25 -15.26 -19.76
CA HIS A 75 9.31 -15.07 -21.23
C HIS A 75 8.56 -13.80 -21.59
N LEU A 76 9.29 -12.75 -21.95
CA LEU A 76 8.73 -11.45 -22.27
C LEU A 76 8.16 -11.39 -23.68
N ARG A 77 6.96 -10.82 -23.79
CA ARG A 77 6.33 -10.70 -25.11
C ARG A 77 7.19 -9.88 -26.04
N GLU A 78 7.23 -10.33 -27.32
CA GLU A 78 8.12 -9.66 -28.29
C GLU A 78 7.73 -8.27 -28.68
N ASN A 79 6.42 -7.97 -28.56
CA ASN A 79 5.90 -6.67 -28.93
C ASN A 79 5.76 -5.72 -27.74
N ALA A 80 6.37 -6.03 -26.59
CA ALA A 80 6.28 -5.05 -25.49
C ALA A 80 7.16 -3.86 -25.83
N LYS A 81 6.60 -2.64 -25.80
CA LYS A 81 7.39 -1.46 -26.13
C LYS A 81 7.18 -0.31 -25.15
N TRP A 82 8.13 0.62 -25.11
CA TRP A 82 8.05 1.86 -24.35
C TRP A 82 7.26 2.85 -25.19
N SER A 83 6.87 3.99 -24.64
CA SER A 83 6.09 4.99 -25.36
C SER A 83 6.86 5.72 -26.47
N ASP A 84 8.18 5.54 -26.49
CA ASP A 84 8.97 6.12 -27.57
C ASP A 84 9.14 5.10 -28.70
N GLY A 85 8.41 4.00 -28.67
CA GLY A 85 8.52 2.98 -29.69
C GLY A 85 9.60 1.92 -29.53
N THR A 86 10.53 2.07 -28.60
CA THR A 86 11.62 1.10 -28.42
C THR A 86 11.18 -0.10 -27.60
N PRO A 87 11.76 -1.27 -27.82
CA PRO A 87 11.36 -2.50 -27.16
C PRO A 87 11.60 -2.49 -25.66
N VAL A 88 10.72 -3.13 -24.92
CA VAL A 88 10.96 -3.37 -23.48
C VAL A 88 11.69 -4.71 -23.47
N THR A 89 12.88 -4.79 -22.85
CA THR A 89 13.62 -6.04 -22.91
C THR A 89 13.91 -6.55 -21.52
N ALA A 90 14.52 -7.73 -21.42
CA ALA A 90 14.96 -8.26 -20.14
C ALA A 90 16.09 -7.40 -19.58
N HIS A 91 16.88 -6.72 -20.41
CA HIS A 91 17.91 -5.83 -19.90
C HIS A 91 17.28 -4.68 -19.11
N ASP A 92 16.08 -4.22 -19.53
CA ASP A 92 15.43 -3.15 -18.76
C ASP A 92 15.14 -3.61 -17.33
N PHE A 93 14.65 -4.84 -17.17
CA PHE A 93 14.35 -5.39 -15.85
C PHE A 93 15.61 -5.65 -15.06
N VAL A 94 16.73 -6.02 -15.72
CA VAL A 94 17.98 -6.21 -14.97
C VAL A 94 18.42 -4.88 -14.36
N TYR A 95 18.45 -3.87 -15.20
CA TYR A 95 18.85 -2.52 -14.75
C TYR A 95 17.92 -2.06 -13.63
N SER A 96 16.62 -2.18 -13.85
CA SER A 96 15.64 -1.67 -12.88
C SER A 96 15.69 -2.33 -11.52
N TRP A 97 15.80 -3.68 -11.45
CA TRP A 97 15.88 -4.34 -10.17
C TRP A 97 17.22 -4.03 -9.52
N GLN A 98 18.30 -3.84 -10.31
CA GLN A 98 19.54 -3.41 -9.69
C GLN A 98 19.39 -2.02 -9.06
N ARG A 99 18.75 -1.09 -9.76
CA ARG A 99 18.60 0.27 -9.26
C ARG A 99 17.76 0.28 -7.98
N LEU A 100 16.72 -0.55 -7.98
CA LEU A 100 15.91 -0.71 -6.77
C LEU A 100 16.75 -1.21 -5.61
N ALA A 101 17.64 -2.20 -5.82
CA ALA A 101 18.46 -2.72 -4.74
C ALA A 101 19.58 -1.78 -4.30
N ASP A 102 20.06 -0.94 -5.18
CA ASP A 102 21.22 -0.11 -4.89
C ASP A 102 20.91 0.87 -3.76
N PRO A 103 21.70 0.83 -2.69
CA PRO A 103 21.52 1.74 -1.57
C PRO A 103 21.54 3.20 -1.97
N ASN A 104 22.27 3.60 -3.02
CA ASN A 104 22.27 4.98 -3.47
C ASN A 104 20.91 5.48 -3.98
N THR A 105 20.04 4.54 -4.39
CA THR A 105 18.70 4.93 -4.83
C THR A 105 17.83 5.28 -3.60
N ALA A 106 18.14 4.66 -2.47
CA ALA A 106 17.46 4.87 -1.22
C ALA A 106 15.95 4.66 -1.36
N SER A 107 15.59 3.58 -2.06
CA SER A 107 14.14 3.34 -2.23
C SER A 107 13.54 2.88 -0.92
N PRO A 108 12.31 3.35 -0.63
CA PRO A 108 11.56 2.87 0.52
C PRO A 108 11.19 1.41 0.36
N TYR A 109 11.17 0.93 -0.90
CA TYR A 109 10.89 -0.45 -1.20
C TYR A 109 12.14 -1.24 -1.58
N ALA A 110 13.35 -0.82 -1.17
CA ALA A 110 14.52 -1.69 -1.41
C ALA A 110 14.33 -3.06 -0.81
N SER A 111 13.70 -3.23 0.37
CA SER A 111 13.43 -4.51 0.95
C SER A 111 12.42 -5.38 0.22
N TYR A 112 11.74 -4.94 -0.81
CA TYR A 112 10.84 -5.78 -1.60
C TYR A 112 11.65 -6.95 -2.19
N LEU A 113 12.93 -6.67 -2.53
CA LEU A 113 13.79 -7.75 -3.02
C LEU A 113 14.21 -8.72 -1.94
N GLN A 114 14.25 -8.31 -0.68
CA GLN A 114 14.47 -9.23 0.43
C GLN A 114 13.21 -10.06 0.63
N TYR A 115 12.04 -9.44 0.52
CA TYR A 115 10.78 -10.19 0.67
C TYR A 115 10.69 -11.32 -0.36
N GLY A 116 11.20 -11.07 -1.57
CA GLY A 116 11.17 -12.16 -2.57
C GLY A 116 12.43 -13.02 -2.48
N HIS A 117 13.39 -12.62 -1.66
CA HIS A 117 14.66 -13.33 -1.46
C HIS A 117 15.53 -13.47 -2.69
N ILE A 118 15.60 -12.45 -3.54
CA ILE A 118 16.47 -12.47 -4.70
C ILE A 118 17.90 -12.68 -4.18
N ALA A 119 18.65 -13.49 -4.90
CA ALA A 119 20.03 -13.77 -4.44
C ALA A 119 20.86 -12.52 -4.24
N ASN A 120 21.66 -12.55 -3.16
CA ASN A 120 22.59 -11.52 -2.78
C ASN A 120 22.03 -10.17 -2.33
N ILE A 121 20.74 -10.05 -2.11
CA ILE A 121 20.16 -8.73 -1.80
C ILE A 121 20.62 -8.15 -0.47
N ASP A 122 20.78 -8.99 0.56
CA ASP A 122 21.17 -8.47 1.87
C ASP A 122 22.51 -7.76 1.79
N ASP A 123 23.51 -8.40 1.15
CA ASP A 123 24.82 -7.80 1.00
C ASP A 123 24.79 -6.55 0.14
N ILE A 124 23.93 -6.51 -0.88
CA ILE A 124 23.83 -5.32 -1.70
C ILE A 124 23.26 -4.17 -0.89
N ILE A 125 22.17 -4.41 -0.14
CA ILE A 125 21.62 -3.31 0.66
C ILE A 125 22.62 -2.79 1.68
N ALA A 126 23.42 -3.68 2.23
CA ALA A 126 24.42 -3.36 3.24
C ALA A 126 25.67 -2.71 2.68
N GLY A 127 25.83 -2.68 1.37
CA GLY A 127 26.93 -2.07 0.69
C GLY A 127 28.15 -2.99 0.62
N LYS A 128 27.97 -4.26 0.91
CA LYS A 128 29.00 -5.27 0.91
C LYS A 128 29.27 -5.82 -0.50
N LYS A 129 28.27 -5.81 -1.36
CA LYS A 129 28.39 -6.26 -2.74
C LYS A 129 27.73 -5.20 -3.63
N PRO A 130 28.22 -5.00 -4.83
CA PRO A 130 27.66 -4.04 -5.75
C PRO A 130 26.28 -4.50 -6.23
N ALA A 131 25.44 -3.60 -6.72
CA ALA A 131 24.06 -3.96 -7.15
C ALA A 131 24.07 -4.92 -8.32
N THR A 132 25.16 -4.91 -9.11
CA THR A 132 25.34 -5.84 -10.23
C THR A 132 25.51 -7.27 -9.79
N ASP A 133 25.65 -7.58 -8.50
CA ASP A 133 25.72 -8.97 -8.07
C ASP A 133 24.30 -9.50 -7.82
N LEU A 134 23.27 -8.68 -7.99
CA LEU A 134 21.89 -9.15 -7.74
C LEU A 134 21.56 -10.38 -8.57
N GLY A 135 20.84 -11.33 -7.99
CA GLY A 135 20.47 -12.56 -8.67
C GLY A 135 19.44 -12.49 -9.76
N VAL A 136 19.63 -11.61 -10.73
CA VAL A 136 18.80 -11.46 -11.90
C VAL A 136 19.71 -11.46 -13.15
N LYS A 137 19.24 -12.03 -14.24
CA LYS A 137 20.00 -11.87 -15.48
C LYS A 137 19.07 -11.92 -16.68
N ALA A 138 19.47 -11.31 -17.78
CA ALA A 138 18.75 -11.39 -19.05
C ALA A 138 19.44 -12.54 -19.83
N LEU A 139 18.71 -13.59 -20.10
CA LEU A 139 19.32 -14.72 -20.85
C LEU A 139 19.35 -14.36 -22.33
N ASP A 140 18.48 -13.44 -22.71
CA ASP A 140 18.39 -12.87 -24.03
C ASP A 140 17.50 -11.63 -23.91
N ASP A 141 17.23 -10.96 -25.01
CA ASP A 141 16.40 -9.76 -24.96
C ASP A 141 15.00 -10.06 -24.44
N HIS A 142 14.44 -11.25 -24.65
CA HIS A 142 13.06 -11.51 -24.24
C HIS A 142 12.97 -12.48 -23.11
N THR A 143 14.05 -12.65 -22.34
CA THR A 143 13.97 -13.66 -21.30
C THR A 143 14.67 -13.19 -20.02
N PHE A 144 13.89 -13.05 -18.96
CA PHE A 144 14.40 -12.55 -17.69
C PHE A 144 14.40 -13.66 -16.65
N GLU A 145 15.57 -13.87 -16.04
CA GLU A 145 15.74 -14.97 -15.09
C GLU A 145 16.11 -14.48 -13.69
N VAL A 146 15.31 -14.93 -12.73
CA VAL A 146 15.49 -14.54 -11.35
C VAL A 146 15.89 -15.74 -10.50
N THR A 147 16.92 -15.50 -9.70
CA THR A 147 17.39 -16.59 -8.84
C THR A 147 17.27 -16.18 -7.37
N LEU A 148 16.54 -16.97 -6.61
CA LEU A 148 16.30 -16.66 -5.20
C LEU A 148 17.25 -17.49 -4.34
N SER A 149 17.41 -17.11 -3.08
CA SER A 149 18.26 -17.87 -2.16
C SER A 149 17.54 -19.02 -1.49
N GLU A 150 16.21 -19.12 -1.58
CA GLU A 150 15.45 -20.23 -1.04
C GLU A 150 14.09 -20.26 -1.75
N PRO A 151 13.41 -21.39 -1.73
CA PRO A 151 12.15 -21.55 -2.41
C PRO A 151 11.10 -20.56 -1.88
N VAL A 152 10.46 -19.87 -2.80
CA VAL A 152 9.40 -18.91 -2.46
C VAL A 152 8.25 -19.23 -3.39
N PRO A 153 7.30 -20.08 -3.00
CA PRO A 153 6.22 -20.56 -3.85
C PRO A 153 5.27 -19.50 -4.33
N TYR A 154 5.12 -18.43 -3.53
CA TYR A 154 4.29 -17.30 -3.93
C TYR A 154 5.08 -16.19 -4.59
N PHE A 155 6.33 -16.36 -4.99
CA PHE A 155 7.15 -15.31 -5.54
C PHE A 155 6.46 -14.49 -6.64
N TYR A 156 5.86 -15.18 -7.63
CA TYR A 156 5.24 -14.48 -8.73
C TYR A 156 4.15 -13.49 -8.29
N LYS A 157 3.46 -13.75 -7.20
CA LYS A 157 2.43 -12.79 -6.71
C LYS A 157 3.04 -11.45 -6.38
N LEU A 158 4.31 -11.36 -5.96
CA LEU A 158 4.88 -10.05 -5.63
C LEU A 158 5.04 -9.18 -6.86
N LEU A 159 5.12 -9.75 -8.08
CA LEU A 159 5.55 -9.05 -9.26
C LEU A 159 4.63 -8.02 -9.85
N VAL A 160 3.41 -7.87 -9.33
CA VAL A 160 2.55 -6.80 -9.83
C VAL A 160 2.83 -5.45 -9.17
N HIS A 161 3.70 -5.35 -8.18
CA HIS A 161 3.97 -4.14 -7.42
C HIS A 161 4.83 -3.14 -8.16
N PRO A 162 4.63 -1.83 -7.98
CA PRO A 162 5.35 -0.82 -8.76
C PRO A 162 6.85 -0.85 -8.60
N SER A 163 7.34 -1.26 -7.44
CA SER A 163 8.78 -1.25 -7.22
C SER A 163 9.56 -2.17 -8.17
N VAL A 164 8.97 -3.22 -8.70
CA VAL A 164 9.58 -4.15 -9.62
C VAL A 164 9.12 -3.92 -11.06
N SER A 165 8.54 -2.73 -11.32
CA SER A 165 8.27 -2.33 -12.71
C SER A 165 9.59 -1.82 -13.31
N PRO A 166 9.69 -1.80 -14.64
CA PRO A 166 10.85 -1.26 -15.30
C PRO A 166 10.83 0.26 -15.40
N VAL A 167 12.05 0.82 -15.41
CA VAL A 167 12.25 2.25 -15.61
C VAL A 167 13.25 2.39 -16.79
N PRO A 168 13.14 3.47 -17.53
CA PRO A 168 13.98 3.66 -18.73
C PRO A 168 15.35 4.23 -18.38
N LYS A 169 16.37 3.41 -18.43
CA LYS A 169 17.73 3.82 -18.06
C LYS A 169 18.20 5.10 -18.73
N SER A 170 18.01 5.18 -20.05
CA SER A 170 18.49 6.39 -20.74
C SER A 170 17.83 7.67 -20.26
N ALA A 171 16.55 7.70 -19.92
CA ALA A 171 15.93 8.91 -19.41
C ALA A 171 16.45 9.16 -18.00
N VAL A 172 16.54 8.11 -17.18
CA VAL A 172 17.01 8.29 -15.82
C VAL A 172 18.42 8.89 -15.80
N GLU A 173 19.30 8.32 -16.61
CA GLU A 173 20.69 8.79 -16.67
C GLU A 173 20.85 10.19 -17.22
N LYS A 174 20.19 10.47 -18.33
CA LYS A 174 20.25 11.79 -18.93
C LYS A 174 19.56 12.89 -18.15
N PHE A 175 18.42 12.65 -17.48
CA PHE A 175 17.73 13.74 -16.79
C PHE A 175 17.69 13.71 -15.27
N GLY A 176 18.20 12.68 -14.65
CA GLY A 176 18.26 12.53 -13.21
C GLY A 176 16.87 12.64 -12.59
N ASP A 177 16.73 13.39 -11.51
CA ASP A 177 15.44 13.56 -10.85
C ASP A 177 14.36 14.21 -11.70
N LYS A 178 14.64 14.77 -12.86
CA LYS A 178 13.62 15.35 -13.73
C LYS A 178 13.24 14.37 -14.84
N TRP A 179 13.63 13.08 -14.75
CA TRP A 179 13.28 12.12 -15.80
C TRP A 179 11.78 11.89 -15.89
N THR A 180 11.06 12.10 -14.78
CA THR A 180 9.61 11.90 -14.79
C THR A 180 8.80 13.08 -15.28
N GLN A 181 9.42 14.20 -15.65
CA GLN A 181 8.68 15.32 -16.24
C GLN A 181 8.13 14.89 -17.59
N PRO A 182 6.99 15.45 -17.98
CA PRO A 182 6.29 15.12 -19.20
C PRO A 182 7.16 15.14 -20.43
N ALA A 183 8.08 16.12 -20.52
CA ALA A 183 8.96 16.22 -21.69
C ALA A 183 10.03 15.14 -21.72
N ASN A 184 10.36 14.52 -20.58
CA ASN A 184 11.43 13.56 -20.53
C ASN A 184 11.06 12.10 -20.30
N ILE A 185 9.92 11.90 -19.67
CA ILE A 185 9.50 10.56 -19.27
C ILE A 185 9.21 9.62 -20.43
N VAL A 186 9.51 8.34 -20.19
CA VAL A 186 9.22 7.27 -21.11
C VAL A 186 8.48 6.18 -20.37
N THR A 187 7.33 5.73 -20.84
CA THR A 187 6.55 4.74 -20.05
C THR A 187 6.14 3.54 -20.88
N ASN A 188 5.85 2.41 -20.20
CA ASN A 188 5.48 1.20 -20.95
C ASN A 188 4.11 0.63 -20.57
N GLY A 189 3.36 1.41 -19.78
CA GLY A 189 2.02 0.95 -19.44
C GLY A 189 1.04 1.38 -20.53
N ALA A 190 -0.27 1.25 -20.22
CA ALA A 190 -1.30 1.63 -21.18
C ALA A 190 -1.39 3.12 -21.44
N TYR A 191 -0.82 3.98 -20.59
CA TYR A 191 -0.89 5.42 -20.67
C TYR A 191 0.50 6.08 -20.68
N LYS A 192 0.52 7.36 -21.03
CA LYS A 192 1.71 8.19 -21.07
C LYS A 192 1.38 9.43 -20.25
N LEU A 193 2.38 10.12 -19.73
CA LEU A 193 2.08 11.32 -18.94
C LEU A 193 1.89 12.51 -19.87
N LYS A 194 0.78 13.20 -19.79
CA LYS A 194 0.55 14.39 -20.59
C LYS A 194 0.87 15.64 -19.79
N ASN A 195 0.30 15.78 -18.60
CA ASN A 195 0.45 16.96 -17.77
C ASN A 195 0.65 16.62 -16.30
N TRP A 196 1.49 17.36 -15.58
CA TRP A 196 1.66 17.12 -14.16
C TRP A 196 1.78 18.51 -13.52
N VAL A 197 0.69 18.94 -12.92
CA VAL A 197 0.61 20.23 -12.23
C VAL A 197 0.50 19.92 -10.73
N VAL A 198 1.57 20.12 -9.97
CA VAL A 198 1.61 19.74 -8.54
C VAL A 198 0.50 20.41 -7.76
N ASN A 199 -0.25 19.61 -7.00
CA ASN A 199 -1.39 20.03 -6.24
C ASN A 199 -2.55 20.49 -7.09
N GLU A 200 -2.61 20.09 -8.38
CA GLU A 200 -3.77 20.44 -9.21
C GLU A 200 -4.28 19.20 -9.93
N ARG A 201 -3.39 18.63 -10.75
CA ARG A 201 -3.80 17.42 -11.47
C ARG A 201 -2.68 16.70 -12.19
N ILE A 202 -2.91 15.40 -12.41
CA ILE A 202 -2.03 14.57 -13.25
C ILE A 202 -2.91 14.11 -14.42
N VAL A 203 -2.48 14.40 -15.66
CA VAL A 203 -3.33 13.96 -16.79
C VAL A 203 -2.58 12.93 -17.62
N LEU A 204 -3.16 11.73 -17.80
CA LEU A 204 -2.54 10.67 -18.57
C LEU A 204 -3.30 10.48 -19.89
N GLU A 205 -2.58 10.15 -20.95
CA GLU A 205 -3.25 9.92 -22.23
C GLU A 205 -2.82 8.54 -22.72
N ARG A 206 -3.68 7.96 -23.53
CA ARG A 206 -3.38 6.61 -24.03
C ARG A 206 -2.01 6.51 -24.67
N ASN A 207 -1.30 5.41 -24.44
CA ASN A 207 0.02 5.15 -25.01
C ASN A 207 -0.20 4.23 -26.22
N PRO A 208 -0.13 4.70 -27.44
CA PRO A 208 -0.38 3.85 -28.60
C PRO A 208 0.65 2.75 -28.81
N GLN A 209 1.79 2.86 -28.15
CA GLN A 209 2.84 1.83 -28.25
C GLN A 209 2.61 0.67 -27.31
N TYR A 210 1.65 0.82 -26.37
CA TYR A 210 1.38 -0.28 -25.44
C TYR A 210 1.02 -1.53 -26.21
N TRP A 211 1.61 -2.67 -25.87
CA TRP A 211 1.31 -3.92 -26.56
C TRP A 211 -0.19 -4.25 -26.57
N ASP A 212 -0.94 -3.98 -25.51
CA ASP A 212 -2.37 -4.27 -25.54
C ASP A 212 -3.24 -3.06 -25.84
N ASN A 213 -2.69 -2.04 -26.48
CA ASN A 213 -3.41 -0.82 -26.82
C ASN A 213 -4.75 -1.01 -27.51
N ALA A 214 -4.90 -2.01 -28.39
CA ALA A 214 -6.19 -2.19 -29.04
C ALA A 214 -7.31 -2.48 -28.05
N LYS A 215 -7.04 -2.99 -26.85
CA LYS A 215 -8.11 -3.22 -25.87
C LYS A 215 -8.34 -2.04 -24.93
N THR A 216 -7.46 -1.05 -24.96
CA THR A 216 -7.64 0.15 -24.12
C THR A 216 -8.81 0.99 -24.66
N VAL A 217 -9.68 1.45 -23.77
CA VAL A 217 -10.86 2.21 -24.16
C VAL A 217 -10.79 3.66 -23.72
N ILE A 218 -10.44 3.92 -22.46
CA ILE A 218 -10.32 5.31 -21.97
C ILE A 218 -9.15 6.03 -22.64
N ASN A 219 -9.37 7.19 -23.25
CA ASN A 219 -8.29 7.88 -23.94
C ASN A 219 -7.48 8.80 -23.05
N GLN A 220 -8.10 9.29 -21.98
CA GLN A 220 -7.48 10.25 -21.09
C GLN A 220 -8.05 10.04 -19.69
N VAL A 221 -7.14 9.97 -18.72
CA VAL A 221 -7.62 9.92 -17.33
C VAL A 221 -6.88 11.01 -16.55
N THR A 222 -7.61 11.70 -15.70
CA THR A 222 -7.01 12.74 -14.83
C THR A 222 -7.06 12.22 -13.38
N TYR A 223 -5.97 12.38 -12.67
CA TYR A 223 -5.87 12.02 -11.25
C TYR A 223 -5.74 13.33 -10.47
N LEU A 224 -6.63 13.52 -9.51
CA LEU A 224 -6.62 14.73 -8.68
C LEU A 224 -6.02 14.43 -7.31
N PRO A 225 -5.51 15.46 -6.66
CA PRO A 225 -4.83 15.34 -5.39
C PRO A 225 -5.65 15.84 -4.20
N ILE A 226 -6.92 15.58 -4.12
CA ILE A 226 -7.79 16.13 -3.07
C ILE A 226 -7.74 15.29 -1.81
N SER A 227 -7.24 15.83 -0.71
CA SER A 227 -7.16 15.05 0.54
C SER A 227 -8.41 15.15 1.40
N SER A 228 -9.25 16.14 1.11
CA SER A 228 -10.51 16.31 1.82
C SER A 228 -11.56 15.39 1.23
N GLU A 229 -11.95 14.36 1.99
CA GLU A 229 -12.94 13.40 1.52
C GLU A 229 -14.29 14.10 1.30
N VAL A 230 -14.63 15.09 2.13
CA VAL A 230 -15.87 15.85 1.88
C VAL A 230 -15.84 16.52 0.51
N THR A 231 -14.77 17.22 0.17
CA THR A 231 -14.57 17.89 -1.11
C THR A 231 -14.57 16.90 -2.27
N ASP A 232 -13.97 15.73 -2.06
CA ASP A 232 -13.97 14.72 -3.12
C ASP A 232 -15.42 14.35 -3.45
N VAL A 233 -16.20 13.99 -2.43
CA VAL A 233 -17.60 13.66 -2.64
C VAL A 233 -18.31 14.87 -3.29
N ASN A 234 -18.05 16.07 -2.78
CA ASN A 234 -18.66 17.25 -3.38
C ASN A 234 -18.38 17.38 -4.87
N ARG A 235 -17.14 17.17 -5.31
CA ARG A 235 -16.83 17.31 -6.75
C ARG A 235 -17.27 16.12 -7.55
N TYR A 236 -17.49 15.00 -6.90
CA TYR A 236 -18.11 13.84 -7.58
C TYR A 236 -19.59 14.20 -7.78
N ARG A 237 -20.30 14.68 -6.75
CA ARG A 237 -21.73 14.96 -6.91
C ARG A 237 -22.02 16.15 -7.78
N SER A 238 -21.07 17.03 -7.99
CA SER A 238 -21.23 18.15 -8.89
C SER A 238 -21.04 17.72 -10.34
N GLY A 239 -20.48 16.53 -10.60
CA GLY A 239 -20.23 16.08 -11.96
C GLY A 239 -18.76 16.07 -12.36
N GLU A 240 -17.87 16.75 -11.68
CA GLU A 240 -16.47 16.82 -12.11
C GLU A 240 -15.73 15.47 -12.00
N ILE A 241 -15.98 14.75 -10.92
CA ILE A 241 -15.25 13.52 -10.62
C ILE A 241 -16.11 12.30 -10.90
N ASP A 242 -15.54 11.31 -11.57
CA ASP A 242 -16.23 10.07 -11.88
C ASP A 242 -16.00 8.96 -10.85
N MET A 243 -14.88 8.96 -10.16
CA MET A 243 -14.62 7.91 -9.17
C MET A 243 -13.92 8.61 -8.01
N THR A 244 -14.47 8.58 -6.81
CA THR A 244 -13.76 9.25 -5.71
C THR A 244 -12.56 8.34 -5.31
N TYR A 245 -11.73 8.91 -4.43
CA TYR A 245 -10.67 8.17 -3.77
C TYR A 245 -11.41 7.28 -2.77
N ASN A 246 -10.78 6.23 -2.24
CA ASN A 246 -11.43 5.29 -1.35
C ASN A 246 -11.02 5.51 0.09
N ASN A 247 -11.35 6.69 0.57
CA ASN A 247 -11.28 7.17 1.94
C ASN A 247 -12.59 7.99 2.02
N MET A 248 -13.53 7.62 2.87
CA MET A 248 -14.83 8.32 2.91
C MET A 248 -15.03 9.23 4.12
N PRO A 249 -15.66 10.39 3.94
CA PRO A 249 -15.88 11.37 4.99
C PRO A 249 -16.98 11.01 5.98
N ILE A 250 -16.73 11.34 7.25
CA ILE A 250 -17.70 11.05 8.30
C ILE A 250 -18.91 11.97 8.17
N GLU A 251 -18.72 13.20 7.73
CA GLU A 251 -19.78 14.16 7.59
C GLU A 251 -20.95 13.73 6.71
N LEU A 252 -20.62 13.09 5.59
CA LEU A 252 -21.57 12.76 4.56
C LEU A 252 -21.93 11.32 4.27
N PHE A 253 -21.09 10.34 4.60
CA PHE A 253 -21.30 8.95 4.27
C PHE A 253 -22.67 8.34 4.56
N GLN A 254 -23.13 8.52 5.80
CA GLN A 254 -24.45 7.96 6.14
C GLN A 254 -25.43 8.49 5.09
N LYS A 255 -25.44 9.81 4.90
CA LYS A 255 -26.25 10.48 3.90
C LYS A 255 -26.10 9.83 2.53
N LEU A 256 -24.89 9.60 2.00
CA LEU A 256 -24.70 8.99 0.69
C LEU A 256 -25.28 7.62 0.45
N LYS A 257 -25.21 6.78 1.49
CA LYS A 257 -25.78 5.44 1.40
C LYS A 257 -27.29 5.50 1.16
N LYS A 258 -27.93 6.51 1.74
CA LYS A 258 -29.35 6.70 1.57
C LYS A 258 -29.68 7.45 0.28
N GLU A 259 -28.85 8.40 -0.10
CA GLU A 259 -29.14 9.21 -1.27
C GLU A 259 -28.76 8.56 -2.58
N ILE A 260 -27.62 7.88 -2.69
CA ILE A 260 -27.22 7.26 -3.95
C ILE A 260 -26.66 5.86 -3.75
N PRO A 261 -27.48 4.90 -3.31
CA PRO A 261 -27.08 3.55 -3.02
C PRO A 261 -26.34 2.80 -4.11
N ASN A 262 -26.78 2.88 -5.36
CA ASN A 262 -26.14 2.22 -6.47
C ASN A 262 -24.75 2.76 -6.81
N GLU A 263 -24.40 3.95 -6.36
CA GLU A 263 -23.07 4.51 -6.63
C GLU A 263 -22.08 4.23 -5.53
N VAL A 264 -22.56 3.80 -4.35
CA VAL A 264 -21.67 3.59 -3.22
C VAL A 264 -21.15 2.15 -3.27
N ARG A 265 -19.90 2.00 -3.66
CA ARG A 265 -19.28 0.67 -3.73
C ARG A 265 -18.57 0.36 -2.44
N VAL A 266 -18.86 -0.80 -1.82
CA VAL A 266 -18.21 -1.17 -0.56
C VAL A 266 -17.72 -2.61 -0.73
N ASP A 267 -16.43 -2.87 -0.78
CA ASP A 267 -15.94 -4.24 -1.01
C ASP A 267 -14.80 -4.55 -0.07
N PRO A 268 -14.47 -5.84 0.09
CA PRO A 268 -13.39 -6.21 0.98
C PRO A 268 -12.08 -5.54 0.57
N TYR A 269 -11.22 -5.33 1.53
CA TYR A 269 -9.96 -4.59 1.29
C TYR A 269 -8.91 -5.09 2.26
N LEU A 270 -7.75 -5.48 1.74
CA LEU A 270 -6.72 -6.02 2.65
C LEU A 270 -5.82 -4.92 3.17
N CYS A 271 -6.43 -4.06 4.02
CA CYS A 271 -5.67 -2.97 4.63
C CYS A 271 -6.04 -2.89 6.12
N THR A 272 -5.09 -2.46 6.92
CA THR A 272 -5.33 -2.31 8.35
C THR A 272 -5.05 -0.86 8.78
N TYR A 273 -6.00 -0.26 9.49
CA TYR A 273 -5.84 1.09 10.03
C TYR A 273 -5.31 0.92 11.47
N TYR A 274 -4.24 1.61 11.81
CA TYR A 274 -3.62 1.46 13.12
C TYR A 274 -2.89 2.74 13.52
N TYR A 275 -2.54 2.83 14.82
CA TYR A 275 -1.72 3.98 15.20
C TYR A 275 -0.32 3.39 15.31
N GLU A 276 0.55 3.93 14.45
CA GLU A 276 1.95 3.52 14.46
C GLU A 276 2.76 4.19 15.58
N ILE A 277 3.32 3.39 16.48
CA ILE A 277 4.13 3.93 17.59
C ILE A 277 5.60 3.95 17.19
N ASN A 278 6.33 5.03 17.49
CA ASN A 278 7.77 5.02 17.19
C ASN A 278 8.42 4.21 18.30
N ASN A 279 8.76 2.94 18.04
CA ASN A 279 9.21 2.07 19.13
C ASN A 279 10.58 2.40 19.70
N GLN A 280 11.38 3.17 18.99
CA GLN A 280 12.70 3.56 19.43
C GLN A 280 12.74 4.85 20.26
N LYS A 281 11.65 5.54 20.43
CA LYS A 281 11.62 6.83 21.10
C LYS A 281 11.02 6.74 22.50
N ALA A 282 11.80 7.01 23.55
CA ALA A 282 11.21 7.01 24.90
C ALA A 282 10.15 8.09 24.95
N PRO A 283 9.05 7.89 25.67
CA PRO A 283 8.81 6.74 26.48
C PRO A 283 8.11 5.58 25.77
N PHE A 284 8.01 5.67 24.45
CA PHE A 284 7.33 4.63 23.68
C PHE A 284 8.17 3.38 23.52
N ASN A 285 9.41 3.36 24.01
CA ASN A 285 10.22 2.17 23.99
C ASN A 285 9.90 1.30 25.22
N ASP A 286 8.93 1.69 26.02
CA ASP A 286 8.48 0.91 27.18
C ASP A 286 7.24 0.14 26.76
N VAL A 287 7.25 -1.18 26.75
CA VAL A 287 6.04 -1.95 26.39
C VAL A 287 4.80 -1.63 27.18
N ARG A 288 4.96 -1.23 28.46
CA ARG A 288 3.79 -0.90 29.26
C ARG A 288 3.04 0.29 28.69
N VAL A 289 3.77 1.29 28.20
CA VAL A 289 3.13 2.48 27.66
C VAL A 289 2.35 2.11 26.39
N ARG A 290 3.05 1.36 25.54
CA ARG A 290 2.46 0.97 24.27
C ARG A 290 1.22 0.11 24.49
N THR A 291 1.31 -0.86 25.41
CA THR A 291 0.17 -1.71 25.71
C THR A 291 -0.97 -0.90 26.26
N ALA A 292 -0.72 0.12 27.11
CA ALA A 292 -1.79 0.95 27.66
C ALA A 292 -2.56 1.70 26.59
N LEU A 293 -1.80 2.24 25.63
CA LEU A 293 -2.41 2.95 24.52
C LEU A 293 -3.23 2.00 23.67
N LYS A 294 -2.72 0.79 23.49
CA LYS A 294 -3.43 -0.20 22.67
C LYS A 294 -4.75 -0.59 23.33
N LEU A 295 -4.68 -0.87 24.65
CA LEU A 295 -5.89 -1.30 25.35
C LEU A 295 -6.95 -0.25 25.61
N ALA A 296 -6.54 1.00 25.92
CA ALA A 296 -7.48 2.05 26.25
C ALA A 296 -8.19 2.62 25.04
N LEU A 297 -7.68 2.37 23.83
CA LEU A 297 -8.41 2.82 22.63
C LEU A 297 -9.68 1.97 22.56
N ASP A 298 -10.85 2.56 22.47
CA ASP A 298 -12.12 1.84 22.39
C ASP A 298 -12.53 1.70 20.94
N ARG A 299 -12.22 0.54 20.37
CA ARG A 299 -12.55 0.28 18.97
C ARG A 299 -14.04 0.26 18.67
N ASP A 300 -14.84 -0.21 19.63
CA ASP A 300 -16.29 -0.24 19.40
C ASP A 300 -16.76 1.19 19.13
N ILE A 301 -16.26 2.15 19.91
CA ILE A 301 -16.68 3.53 19.68
C ILE A 301 -16.22 4.04 18.31
N ILE A 302 -14.97 3.82 17.97
CA ILE A 302 -14.46 4.36 16.69
C ILE A 302 -15.20 3.74 15.51
N VAL A 303 -15.06 2.42 15.46
CA VAL A 303 -15.62 1.61 14.38
C VAL A 303 -17.12 1.75 14.28
N ASN A 304 -17.90 1.71 15.37
CA ASN A 304 -19.34 1.85 15.21
C ASN A 304 -19.93 3.18 15.65
N LYS A 305 -19.29 3.99 16.46
CA LYS A 305 -19.94 5.24 16.87
C LYS A 305 -19.41 6.44 16.12
N VAL A 306 -18.08 6.53 15.92
CA VAL A 306 -17.58 7.75 15.26
C VAL A 306 -17.37 7.56 13.77
N LYS A 307 -17.06 6.36 13.30
CA LYS A 307 -16.86 6.17 11.87
C LYS A 307 -18.01 5.45 11.19
N ASN A 308 -18.43 4.31 11.71
CA ASN A 308 -19.52 3.51 11.20
C ASN A 308 -19.66 3.39 9.70
N GLN A 309 -18.65 2.84 9.01
CA GLN A 309 -18.68 2.66 7.57
C GLN A 309 -18.49 1.21 7.15
N GLY A 310 -18.64 0.26 8.07
CA GLY A 310 -18.48 -1.16 7.77
C GLY A 310 -17.12 -1.74 8.13
N ASP A 311 -16.30 -0.98 8.85
CA ASP A 311 -14.98 -1.44 9.26
C ASP A 311 -15.12 -2.42 10.42
N LEU A 312 -14.14 -3.31 10.52
CA LEU A 312 -14.24 -4.30 11.61
C LEU A 312 -13.13 -3.96 12.58
N PRO A 313 -13.44 -3.99 13.87
CA PRO A 313 -12.46 -3.74 14.92
C PRO A 313 -11.28 -4.68 14.76
N ALA A 314 -10.07 -4.13 14.85
CA ALA A 314 -8.85 -4.90 14.61
C ALA A 314 -8.08 -5.28 15.86
N TYR A 315 -7.45 -6.45 15.81
CA TYR A 315 -6.67 -6.88 16.97
C TYR A 315 -5.33 -7.38 16.46
N SER A 316 -5.07 -7.21 15.15
CA SER A 316 -3.83 -7.72 14.58
C SER A 316 -3.33 -6.72 13.52
N TYR A 317 -2.16 -7.00 12.95
CA TYR A 317 -1.66 -6.13 11.87
C TYR A 317 -2.11 -6.74 10.54
N THR A 318 -1.73 -7.99 10.33
CA THR A 318 -2.23 -8.69 9.12
C THR A 318 -3.74 -8.86 9.22
N PRO A 319 -4.49 -8.50 8.21
CA PRO A 319 -5.94 -8.68 8.25
C PRO A 319 -6.20 -10.17 8.33
N PRO A 320 -7.19 -10.58 9.12
CA PRO A 320 -7.48 -12.00 9.29
C PRO A 320 -8.04 -12.69 8.06
N TYR A 321 -8.44 -11.96 7.07
CA TYR A 321 -8.95 -12.56 5.84
C TYR A 321 -7.92 -12.57 4.71
N THR A 322 -6.68 -12.25 5.08
CA THR A 322 -5.58 -12.39 4.10
C THR A 322 -5.47 -13.86 3.73
N ASP A 323 -5.17 -14.19 2.50
CA ASP A 323 -5.00 -15.59 2.06
C ASP A 323 -3.85 -16.19 2.84
N GLY A 324 -4.11 -17.16 3.71
CA GLY A 324 -3.00 -17.73 4.51
C GLY A 324 -3.02 -17.32 5.97
N ALA A 325 -3.94 -16.40 6.33
CA ALA A 325 -4.02 -15.94 7.70
C ALA A 325 -4.99 -16.84 8.48
N LYS A 326 -4.50 -17.33 9.59
CA LYS A 326 -5.28 -18.17 10.51
C LYS A 326 -4.91 -17.64 11.89
N LEU A 327 -5.34 -16.42 12.22
CA LEU A 327 -4.81 -15.77 13.43
C LEU A 327 -5.51 -16.11 14.74
N VAL A 328 -4.81 -15.98 15.85
CA VAL A 328 -5.43 -16.21 17.15
C VAL A 328 -5.84 -14.87 17.74
N GLU A 329 -7.13 -14.70 17.98
CA GLU A 329 -7.64 -13.45 18.56
C GLU A 329 -7.22 -13.44 20.02
N PRO A 330 -6.53 -12.38 20.44
CA PRO A 330 -6.02 -12.28 21.78
C PRO A 330 -7.12 -12.04 22.79
N GLU A 331 -6.86 -12.48 24.03
CA GLU A 331 -7.78 -12.33 25.15
C GLU A 331 -8.16 -10.90 25.46
N TRP A 332 -7.26 -9.92 25.29
CA TRP A 332 -7.64 -8.54 25.57
C TRP A 332 -8.75 -8.04 24.67
N PHE A 333 -8.87 -8.54 23.45
CA PHE A 333 -9.91 -8.07 22.52
C PHE A 333 -11.30 -8.55 22.93
N LYS A 334 -11.40 -9.67 23.63
CA LYS A 334 -12.70 -10.15 24.10
C LYS A 334 -13.15 -9.50 25.39
N TRP A 335 -12.20 -8.92 26.13
CA TRP A 335 -12.57 -8.26 27.37
C TRP A 335 -13.57 -7.12 27.09
N SER A 336 -14.13 -6.61 28.18
CA SER A 336 -15.00 -5.45 28.14
C SER A 336 -14.01 -4.27 28.09
N GLN A 337 -14.46 -3.11 27.64
CA GLN A 337 -13.59 -1.94 27.53
C GLN A 337 -13.16 -1.46 28.91
N GLN A 338 -14.09 -1.59 29.86
CA GLN A 338 -13.82 -1.21 31.25
C GLN A 338 -12.66 -2.02 31.76
N LYS A 339 -12.63 -3.33 31.46
CA LYS A 339 -11.48 -4.11 31.92
C LYS A 339 -10.20 -3.72 31.22
N ARG A 340 -10.26 -3.44 29.89
CA ARG A 340 -9.08 -2.96 29.19
C ARG A 340 -8.62 -1.64 29.79
N ASN A 341 -9.53 -0.74 30.14
CA ASN A 341 -9.13 0.54 30.71
C ASN A 341 -8.39 0.39 32.03
N GLU A 342 -8.87 -0.48 32.94
CA GLU A 342 -8.16 -0.61 34.22
C GLU A 342 -6.77 -1.18 34.02
N GLU A 343 -6.64 -2.14 33.09
CA GLU A 343 -5.29 -2.68 32.86
C GLU A 343 -4.35 -1.61 32.32
N ALA A 344 -4.86 -0.80 31.39
CA ALA A 344 -4.09 0.29 30.79
C ALA A 344 -3.63 1.29 31.83
N LYS A 345 -4.59 1.74 32.64
CA LYS A 345 -4.28 2.67 33.71
C LYS A 345 -3.22 2.10 34.65
N LYS A 346 -3.35 0.82 34.99
CA LYS A 346 -2.35 0.19 35.86
C LYS A 346 -0.98 0.15 35.25
N LEU A 347 -0.82 -0.16 33.95
CA LEU A 347 0.49 -0.19 33.30
C LEU A 347 1.13 1.19 33.24
N LEU A 348 0.29 2.19 32.96
CA LEU A 348 0.79 3.56 32.90
C LEU A 348 1.21 4.01 34.30
N ALA A 349 0.43 3.62 35.30
CA ALA A 349 0.81 3.99 36.68
C ALA A 349 2.12 3.28 36.97
N GLU A 350 2.27 2.02 36.57
CA GLU A 350 3.52 1.29 36.74
C GLU A 350 4.67 1.92 35.97
N ALA A 351 4.44 2.46 34.78
CA ALA A 351 5.51 3.08 34.01
C ALA A 351 5.99 4.44 34.52
N GLY A 352 5.34 5.03 35.54
CA GLY A 352 5.81 6.25 36.12
C GLY A 352 4.95 7.48 35.95
N PHE A 353 3.78 7.32 35.34
CA PHE A 353 2.90 8.45 35.08
C PHE A 353 1.83 8.67 36.13
N THR A 354 1.64 9.95 36.46
CA THR A 354 0.70 10.41 37.47
C THR A 354 -0.19 11.54 36.96
N ALA A 355 -1.14 12.01 37.77
CA ALA A 355 -1.98 13.14 37.36
C ALA A 355 -1.12 14.39 37.25
N ASP A 356 -0.13 14.54 38.13
CA ASP A 356 0.74 15.70 38.12
C ASP A 356 1.79 15.57 37.01
N LYS A 357 2.24 14.36 36.68
CA LYS A 357 3.18 14.21 35.56
C LYS A 357 2.58 13.23 34.56
N PRO A 358 1.55 13.67 33.83
CA PRO A 358 0.84 12.80 32.92
C PRO A 358 1.65 12.50 31.66
N LEU A 359 1.15 11.57 30.89
CA LEU A 359 1.79 11.20 29.62
C LEU A 359 1.23 12.16 28.56
N THR A 360 2.14 12.89 27.93
CA THR A 360 1.74 13.85 26.88
C THR A 360 2.59 13.64 25.63
N PHE A 361 1.93 13.51 24.46
CA PHE A 361 2.66 13.21 23.26
C PHE A 361 1.91 13.66 22.00
N ASP A 362 2.59 13.55 20.87
CA ASP A 362 2.02 13.99 19.60
C ASP A 362 1.35 12.86 18.82
N LEU A 363 0.31 13.22 18.10
CA LEU A 363 -0.43 12.28 17.25
C LEU A 363 -0.41 12.98 15.88
N LEU A 364 0.43 12.41 15.02
CA LEU A 364 0.65 12.90 13.66
C LEU A 364 -0.28 12.24 12.64
N TYR A 365 -0.90 13.00 11.76
CA TYR A 365 -1.78 12.37 10.76
C TYR A 365 -1.64 13.17 9.46
N ASN A 366 -1.92 12.51 8.34
CA ASN A 366 -1.85 13.28 7.09
C ASN A 366 -3.17 13.99 6.86
N THR A 367 -3.14 15.26 6.38
CA THR A 367 -4.35 16.00 6.08
C THR A 367 -5.46 15.19 5.50
N SER A 368 -6.64 15.20 6.16
CA SER A 368 -7.76 14.37 5.76
C SER A 368 -8.96 14.62 6.69
N ASP A 369 -10.16 14.65 6.15
CA ASP A 369 -11.31 14.85 7.05
C ASP A 369 -11.42 13.65 7.97
N LEU A 370 -11.32 12.47 7.34
CA LEU A 370 -11.40 11.24 8.08
C LEU A 370 -10.34 11.13 9.18
N HIS A 371 -9.09 11.35 8.83
CA HIS A 371 -8.03 11.14 9.84
C HIS A 371 -8.14 12.18 10.97
N LYS A 372 -8.51 13.39 10.63
CA LYS A 372 -8.63 14.44 11.63
C LYS A 372 -9.74 14.07 12.62
N LYS A 373 -10.93 13.77 12.10
CA LYS A 373 -12.06 13.40 12.97
C LYS A 373 -11.74 12.19 13.83
N LEU A 374 -11.16 11.16 13.23
CA LEU A 374 -10.72 10.00 14.00
C LEU A 374 -9.62 10.36 15.00
N ALA A 375 -8.67 11.25 14.70
CA ALA A 375 -7.64 11.52 15.72
C ALA A 375 -8.25 12.36 16.84
N ILE A 376 -9.21 13.22 16.52
CA ILE A 376 -9.86 14.01 17.61
C ILE A 376 -10.62 13.06 18.55
N ALA A 377 -11.34 12.08 18.00
CA ALA A 377 -12.03 11.07 18.80
C ALA A 377 -11.09 10.22 19.62
N VAL A 378 -9.99 9.75 19.04
CA VAL A 378 -8.99 8.95 19.73
C VAL A 378 -8.34 9.78 20.83
N ALA A 379 -8.01 11.04 20.55
CA ALA A 379 -7.44 11.88 21.61
C ALA A 379 -8.43 11.98 22.80
N SER A 380 -9.71 12.16 22.54
CA SER A 380 -10.75 12.25 23.57
C SER A 380 -10.88 10.95 24.35
N ILE A 381 -10.93 9.84 23.62
CA ILE A 381 -10.98 8.52 24.26
C ILE A 381 -9.76 8.27 25.14
N TRP A 382 -8.54 8.58 24.67
CA TRP A 382 -7.37 8.34 25.46
C TRP A 382 -7.34 9.28 26.69
N LYS A 383 -7.85 10.49 26.50
CA LYS A 383 -7.90 11.46 27.61
C LYS A 383 -8.84 10.92 28.69
N LYS A 384 -10.05 10.53 28.29
CA LYS A 384 -11.03 10.04 29.23
C LYS A 384 -10.73 8.68 29.84
N ASN A 385 -10.18 7.76 29.04
CA ASN A 385 -9.93 6.42 29.51
C ASN A 385 -8.59 6.22 30.18
N LEU A 386 -7.59 7.01 29.81
CA LEU A 386 -6.26 6.76 30.35
C LEU A 386 -5.61 7.98 30.94
N GLY A 387 -6.21 9.16 30.83
CA GLY A 387 -5.61 10.37 31.35
C GLY A 387 -4.41 10.88 30.54
N VAL A 388 -4.29 10.52 29.25
CA VAL A 388 -3.12 11.03 28.50
C VAL A 388 -3.52 12.22 27.63
N ASN A 389 -2.64 13.15 27.40
CA ASN A 389 -2.88 14.34 26.59
C ASN A 389 -2.18 14.17 25.23
N VAL A 390 -2.88 14.37 24.12
CA VAL A 390 -2.15 14.22 22.86
C VAL A 390 -2.26 15.54 22.11
N ASN A 391 -1.20 15.89 21.41
CA ASN A 391 -1.19 17.09 20.59
C ASN A 391 -1.24 16.64 19.12
N LEU A 392 -2.35 16.95 18.47
CA LEU A 392 -2.59 16.60 17.10
C LEU A 392 -1.75 17.45 16.17
N GLU A 393 -1.20 16.78 15.15
CA GLU A 393 -0.41 17.54 14.17
C GLU A 393 -0.73 17.02 12.76
N ASN A 394 -1.13 17.90 11.84
CA ASN A 394 -1.38 17.39 10.49
C ASN A 394 -0.20 17.69 9.57
N GLN A 395 0.09 16.84 8.60
CA GLN A 395 1.13 17.12 7.59
C GLN A 395 0.61 16.65 6.23
N GLU A 396 1.02 17.30 5.13
CA GLU A 396 0.59 16.79 3.82
C GLU A 396 1.24 15.42 3.58
N TRP A 397 0.59 14.57 2.79
CA TRP A 397 1.07 13.21 2.55
C TRP A 397 2.57 13.01 2.36
N LYS A 398 3.19 13.69 1.38
CA LYS A 398 4.61 13.46 1.11
C LYS A 398 5.47 13.78 2.34
N THR A 399 5.17 14.87 3.04
CA THR A 399 5.93 15.25 4.25
C THR A 399 5.75 14.24 5.38
N PHE A 400 4.50 13.85 5.57
CA PHE A 400 4.09 12.83 6.55
C PHE A 400 4.88 11.56 6.40
N LEU A 401 5.03 11.02 5.16
CA LEU A 401 5.77 9.79 4.99
C LEU A 401 7.26 10.03 5.31
N ASP A 402 7.77 11.19 4.91
CA ASP A 402 9.15 11.53 5.21
C ASP A 402 9.37 11.58 6.72
N THR A 403 8.46 12.19 7.46
CA THR A 403 8.55 12.28 8.93
C THR A 403 8.61 10.91 9.58
N ARG A 404 7.75 10.00 9.11
CA ARG A 404 7.75 8.64 9.66
C ARG A 404 9.05 7.92 9.34
N HIS A 405 9.59 8.09 8.13
CA HIS A 405 10.88 7.45 7.85
C HIS A 405 11.98 8.07 8.70
N GLN A 406 11.88 9.36 8.99
CA GLN A 406 12.91 10.04 9.80
C GLN A 406 12.87 9.53 11.23
N GLY A 407 11.72 9.04 11.70
CA GLY A 407 11.66 8.34 12.95
C GLY A 407 12.08 8.88 14.28
N THR A 408 11.50 10.03 14.62
CA THR A 408 11.64 10.72 15.85
C THR A 408 10.26 11.24 16.32
N PHE A 409 9.22 11.04 15.51
CA PHE A 409 7.85 11.35 15.80
C PHE A 409 7.44 10.53 17.03
N ASP A 410 6.22 10.67 17.53
CA ASP A 410 5.75 9.92 18.68
C ASP A 410 4.80 8.81 18.24
N VAL A 411 3.58 9.15 17.87
CA VAL A 411 2.57 8.22 17.41
C VAL A 411 2.07 8.79 16.08
N ALA A 412 1.90 7.95 15.07
CA ALA A 412 1.37 8.44 13.81
C ALA A 412 0.20 7.58 13.35
N ARG A 413 -0.80 8.21 12.76
CA ARG A 413 -1.91 7.51 12.13
C ARG A 413 -1.27 6.67 11.02
N ALA A 414 -1.78 5.46 10.73
CA ALA A 414 -1.13 4.65 9.71
C ALA A 414 -2.07 3.63 9.08
N GLY A 415 -1.69 3.18 7.89
CA GLY A 415 -2.54 2.19 7.23
C GLY A 415 -1.63 1.44 6.25
N TRP A 416 -1.63 0.13 6.34
CA TRP A 416 -0.84 -0.65 5.38
C TRP A 416 -1.80 -1.48 4.55
N CYS A 417 -1.62 -1.47 3.23
CA CYS A 417 -2.44 -2.31 2.35
C CYS A 417 -1.54 -3.35 1.71
N ALA A 418 -2.00 -4.58 1.58
CA ALA A 418 -1.21 -5.67 1.00
C ALA A 418 -0.71 -5.33 -0.40
N ASP A 419 0.53 -5.77 -0.68
CA ASP A 419 1.10 -5.62 -2.02
C ASP A 419 0.87 -6.92 -2.81
N TYR A 420 0.78 -8.01 -2.07
CA TYR A 420 0.45 -9.32 -2.65
C TYR A 420 -0.37 -9.99 -1.56
N ASN A 421 -1.31 -10.86 -1.94
CA ASN A 421 -2.17 -11.46 -0.94
C ASN A 421 -1.54 -12.67 -0.25
N GLU A 422 -0.81 -12.42 0.82
CA GLU A 422 -0.09 -13.47 1.61
C GLU A 422 0.36 -12.73 2.84
N PRO A 423 0.28 -13.28 4.03
CA PRO A 423 0.60 -12.58 5.26
C PRO A 423 1.98 -11.93 5.32
N THR A 424 2.98 -12.46 4.62
CA THR A 424 4.29 -11.79 4.67
C THR A 424 4.24 -10.41 4.03
N SER A 425 3.28 -10.13 3.15
CA SER A 425 3.18 -8.75 2.61
C SER A 425 2.96 -7.74 3.73
N PHE A 426 2.34 -8.16 4.84
CA PHE A 426 2.28 -7.33 6.02
C PHE A 426 3.47 -7.58 6.94
N LEU A 427 3.69 -8.88 7.26
CA LEU A 427 4.67 -9.18 8.32
C LEU A 427 6.11 -8.80 8.03
N ASN A 428 6.49 -8.84 6.75
CA ASN A 428 7.86 -8.50 6.38
C ASN A 428 8.21 -7.05 6.66
N THR A 429 7.22 -6.16 6.79
CA THR A 429 7.42 -4.76 7.09
C THR A 429 7.85 -4.51 8.53
N MET A 430 7.68 -5.48 9.40
CA MET A 430 8.10 -5.34 10.79
C MET A 430 9.43 -6.03 11.07
N LEU A 431 10.07 -6.56 10.06
CA LEU A 431 11.41 -7.16 10.22
C LEU A 431 12.36 -6.04 10.62
N SER A 432 13.36 -6.33 11.48
CA SER A 432 14.28 -5.33 11.99
C SER A 432 14.90 -4.43 10.94
N ASP A 433 15.34 -5.02 9.84
CA ASP A 433 15.98 -4.29 8.77
C ASP A 433 15.09 -3.93 7.59
N SER A 434 13.77 -4.00 7.72
CA SER A 434 12.96 -3.65 6.55
C SER A 434 12.99 -2.17 6.25
N SER A 435 13.12 -1.82 4.98
CA SER A 435 13.05 -0.44 4.49
C SER A 435 11.66 0.13 4.73
N ASN A 436 10.62 -0.71 4.97
CA ASN A 436 9.27 -0.23 5.26
C ASN A 436 8.97 -0.19 6.75
N ASN A 437 9.98 -0.44 7.60
CA ASN A 437 9.70 -0.45 9.04
C ASN A 437 9.80 0.95 9.67
N THR A 438 8.67 1.65 9.57
CA THR A 438 8.56 2.98 10.16
C THR A 438 8.07 2.89 11.59
N ALA A 439 7.74 1.70 12.09
CA ALA A 439 7.42 1.53 13.50
C ALA A 439 8.74 1.57 14.29
N HIS A 440 9.83 1.35 13.59
CA HIS A 440 11.18 1.25 14.11
C HIS A 440 11.17 0.13 15.17
N TYR A 441 10.50 -0.98 14.86
CA TYR A 441 10.35 -2.15 15.70
C TYR A 441 11.44 -3.14 15.34
N LYS A 442 12.15 -3.63 16.37
CA LYS A 442 13.25 -4.56 16.17
C LYS A 442 13.19 -5.68 17.19
N SER A 443 12.66 -6.81 16.76
CA SER A 443 12.52 -7.98 17.62
C SER A 443 13.18 -9.18 16.96
N PRO A 444 14.28 -9.64 17.58
CA PRO A 444 14.97 -10.84 17.11
C PRO A 444 14.02 -12.03 17.10
N ALA A 445 13.13 -12.14 18.08
CA ALA A 445 12.18 -13.26 18.09
C ALA A 445 11.23 -13.17 16.89
N PHE A 446 10.76 -11.96 16.60
CA PHE A 446 9.82 -11.78 15.49
C PHE A 446 10.53 -12.12 14.21
N ASP A 447 11.77 -11.63 14.01
CA ASP A 447 12.51 -11.88 12.80
C ASP A 447 12.72 -13.37 12.54
N LYS A 448 13.03 -14.07 13.63
CA LYS A 448 13.27 -15.52 13.51
C LYS A 448 12.01 -16.26 13.07
N LEU A 449 10.87 -15.92 13.67
CA LEU A 449 9.62 -16.58 13.25
C LEU A 449 9.43 -16.43 11.75
N ILE A 450 9.61 -15.22 11.21
CA ILE A 450 9.37 -15.03 9.77
C ILE A 450 10.42 -15.75 8.95
N ALA A 451 11.70 -15.72 9.33
CA ALA A 451 12.76 -16.42 8.62
C ALA A 451 12.42 -17.92 8.46
N ASP A 452 11.87 -18.50 9.51
CA ASP A 452 11.44 -19.86 9.60
C ASP A 452 10.30 -20.22 8.66
N THR A 453 9.50 -19.26 8.20
CA THR A 453 8.40 -19.54 7.31
C THR A 453 8.87 -20.10 5.97
N LEU A 454 10.09 -19.84 5.49
CA LEU A 454 10.46 -20.42 4.20
C LEU A 454 11.42 -21.59 4.40
N LYS A 455 11.56 -22.02 5.65
CA LYS A 455 12.39 -23.17 6.02
C LYS A 455 11.54 -24.41 6.20
N VAL A 456 10.22 -24.25 6.12
CA VAL A 456 9.26 -25.35 6.13
C VAL A 456 8.71 -25.39 4.69
N ALA A 457 8.23 -26.52 4.22
CA ALA A 457 7.65 -26.66 2.88
C ALA A 457 6.17 -27.05 3.06
N ASP A 458 5.51 -26.41 4.00
CA ASP A 458 4.11 -26.73 4.31
C ASP A 458 3.31 -25.48 4.66
N ASP A 459 2.18 -25.24 3.98
CA ASP A 459 1.32 -24.11 4.23
C ASP A 459 0.78 -24.11 5.66
N THR A 460 0.54 -25.29 6.25
CA THR A 460 0.01 -25.34 7.60
C THR A 460 1.04 -24.86 8.61
N GLN A 461 2.30 -25.29 8.46
CA GLN A 461 3.30 -24.81 9.43
C GLN A 461 3.58 -23.32 9.17
N ARG A 462 3.55 -22.90 7.91
CA ARG A 462 3.76 -21.48 7.58
C ARG A 462 2.67 -20.62 8.20
N SER A 463 1.40 -21.05 8.09
CA SER A 463 0.31 -20.29 8.70
C SER A 463 0.43 -20.21 10.20
N GLU A 464 0.89 -21.30 10.85
CA GLU A 464 1.05 -21.30 12.30
C GLU A 464 2.15 -20.33 12.73
N LEU A 465 3.22 -20.29 11.93
CA LEU A 465 4.30 -19.34 12.16
C LEU A 465 3.81 -17.90 11.97
N TYR A 466 2.98 -17.62 10.97
CA TYR A 466 2.46 -16.24 10.84
C TYR A 466 1.60 -15.86 12.03
N ALA A 467 0.77 -16.81 12.55
CA ALA A 467 -0.02 -16.57 13.72
C ALA A 467 0.86 -16.27 14.93
N LYS A 468 1.93 -17.04 15.12
CA LYS A 468 2.86 -16.77 16.21
C LYS A 468 3.57 -15.42 16.02
N ALA A 469 3.87 -15.02 14.79
CA ALA A 469 4.54 -13.74 14.54
C ALA A 469 3.59 -12.62 14.95
N GLU A 470 2.30 -12.77 14.60
CA GLU A 470 1.33 -11.74 15.03
C GLU A 470 1.24 -11.72 16.55
N GLN A 471 1.25 -12.90 17.19
CA GLN A 471 1.21 -12.94 18.65
C GLN A 471 2.42 -12.22 19.26
N GLN A 472 3.59 -12.38 18.66
CA GLN A 472 4.77 -11.70 19.17
C GLN A 472 4.65 -10.18 19.02
N LEU A 473 4.15 -9.75 17.85
CA LEU A 473 3.91 -8.30 17.65
C LEU A 473 2.99 -7.75 18.71
N ASP A 474 1.89 -8.44 18.99
CA ASP A 474 0.87 -8.11 19.95
C ASP A 474 1.40 -8.07 21.37
N LYS A 475 2.22 -9.04 21.71
CA LYS A 475 2.87 -9.15 23.02
C LYS A 475 3.74 -7.93 23.30
N ASP A 476 4.40 -7.47 22.25
CA ASP A 476 5.25 -6.29 22.31
C ASP A 476 4.50 -4.99 22.08
N SER A 477 3.21 -5.02 21.77
CA SER A 477 2.42 -3.85 21.47
C SER A 477 3.22 -2.92 20.54
N ALA A 478 3.65 -3.50 19.41
CA ALA A 478 4.40 -2.69 18.43
C ALA A 478 3.51 -1.58 17.88
N ILE A 479 2.27 -1.92 17.62
CA ILE A 479 1.29 -0.98 17.07
C ILE A 479 0.00 -0.99 17.86
N VAL A 480 -0.89 -0.05 17.52
CA VAL A 480 -2.24 0.02 18.04
C VAL A 480 -3.23 -0.29 16.91
N PRO A 481 -3.61 -1.53 16.71
CA PRO A 481 -4.61 -1.86 15.70
C PRO A 481 -5.93 -1.17 15.97
N VAL A 482 -6.53 -0.60 14.91
CA VAL A 482 -7.80 0.09 15.08
C VAL A 482 -8.92 -0.63 14.34
N TYR A 483 -8.81 -0.73 13.00
CA TYR A 483 -9.89 -1.43 12.26
C TYR A 483 -9.35 -1.96 10.93
N TYR A 484 -9.99 -2.97 10.36
CA TYR A 484 -9.64 -3.46 9.02
C TYR A 484 -10.50 -2.65 8.07
N TYR A 485 -9.90 -2.03 7.06
CA TYR A 485 -10.64 -1.20 6.15
C TYR A 485 -11.54 -2.04 5.24
N VAL A 486 -12.51 -1.30 4.71
CA VAL A 486 -13.34 -1.76 3.63
C VAL A 486 -13.03 -0.76 2.50
N ASN A 487 -13.16 -1.25 1.28
CA ASN A 487 -12.87 -0.35 0.16
C ASN A 487 -14.18 0.32 -0.22
N ALA A 488 -14.44 1.48 0.33
CA ALA A 488 -15.66 2.24 0.10
C ALA A 488 -15.37 3.49 -0.74
N ARG A 489 -16.06 3.63 -1.86
CA ARG A 489 -15.85 4.77 -2.73
C ARG A 489 -17.11 4.96 -3.57
N LEU A 490 -17.20 6.13 -4.20
CA LEU A 490 -18.33 6.34 -5.12
C LEU A 490 -17.82 6.18 -6.55
N VAL A 491 -18.61 5.51 -7.37
CA VAL A 491 -18.34 5.29 -8.79
C VAL A 491 -19.57 5.60 -9.61
N LYS A 492 -19.47 6.52 -10.57
CA LYS A 492 -20.66 6.91 -11.36
C LYS A 492 -21.22 5.69 -12.05
N PRO A 493 -22.53 5.67 -12.32
CA PRO A 493 -23.18 4.54 -12.94
C PRO A 493 -22.63 4.22 -14.32
N TRP A 494 -22.08 5.20 -15.01
CA TRP A 494 -21.53 5.07 -16.35
C TRP A 494 -20.10 4.57 -16.37
N VAL A 495 -19.48 4.35 -15.21
CA VAL A 495 -18.09 3.81 -15.27
C VAL A 495 -18.14 2.30 -15.28
N GLY A 496 -17.81 1.65 -16.39
CA GLY A 496 -17.84 0.19 -16.46
C GLY A 496 -16.44 -0.38 -16.17
N GLY A 497 -16.39 -1.65 -15.76
CA GLY A 497 -15.13 -2.35 -15.57
C GLY A 497 -14.57 -2.40 -14.16
N TYR A 498 -15.19 -1.71 -13.20
CA TYR A 498 -14.70 -1.74 -11.81
C TYR A 498 -15.53 -2.80 -11.08
N THR A 499 -14.95 -3.98 -10.86
CA THR A 499 -15.69 -5.07 -10.24
C THR A 499 -15.77 -4.91 -8.73
N GLY A 500 -14.68 -4.40 -8.15
CA GLY A 500 -14.56 -4.31 -6.70
C GLY A 500 -14.18 -5.69 -6.14
N LYS A 501 -13.89 -6.68 -6.98
CA LYS A 501 -13.55 -8.03 -6.55
C LYS A 501 -12.12 -8.22 -6.09
N ASP A 502 -11.22 -7.32 -6.47
CA ASP A 502 -9.83 -7.40 -6.06
C ASP A 502 -9.65 -6.79 -4.69
N PRO A 503 -9.28 -7.58 -3.68
CA PRO A 503 -9.12 -7.06 -2.32
C PRO A 503 -7.88 -6.20 -2.16
N LEU A 504 -7.00 -6.18 -3.15
CA LEU A 504 -5.86 -5.27 -3.15
C LEU A 504 -6.19 -3.97 -3.91
N ASP A 505 -7.30 -3.89 -4.60
CA ASP A 505 -7.72 -2.69 -5.34
C ASP A 505 -6.67 -2.18 -6.32
N ASN A 506 -6.13 -3.12 -7.11
CA ASN A 506 -5.09 -2.77 -8.09
C ASN A 506 -5.77 -2.44 -9.41
N ILE A 507 -6.36 -1.25 -9.48
CA ILE A 507 -7.09 -0.86 -10.69
C ILE A 507 -6.15 -0.40 -11.78
N TYR A 508 -6.52 -0.70 -13.00
CA TYR A 508 -5.83 -0.29 -14.22
C TYR A 508 -6.91 0.47 -15.04
N VAL A 509 -6.65 1.72 -15.37
CA VAL A 509 -7.61 2.48 -16.19
C VAL A 509 -7.79 1.85 -17.54
N LYS A 510 -6.81 1.07 -18.04
CA LYS A 510 -6.96 0.35 -19.29
C LYS A 510 -8.10 -0.67 -19.28
N ASN A 511 -8.57 -1.10 -18.13
CA ASN A 511 -9.67 -2.03 -17.98
C ASN A 511 -11.03 -1.36 -17.89
N LEU A 512 -11.13 -0.04 -17.81
CA LEU A 512 -12.41 0.63 -17.60
C LEU A 512 -13.00 1.17 -18.91
N TYR A 513 -14.23 1.64 -18.89
CA TYR A 513 -14.87 2.20 -20.08
C TYR A 513 -16.03 3.11 -19.65
N ILE A 514 -16.38 4.07 -20.51
CA ILE A 514 -17.50 4.96 -20.20
C ILE A 514 -18.75 4.59 -21.01
N ILE A 515 -19.83 4.29 -20.30
CA ILE A 515 -21.09 3.91 -20.96
C ILE A 515 -21.84 5.17 -21.33
N LYS A 516 -22.50 5.21 -22.48
CA LYS A 516 -23.27 6.35 -22.92
C LYS A 516 -24.24 6.82 -21.85
N HIS A 517 -24.25 8.09 -21.49
CA HIS A 517 -25.20 8.56 -20.48
C HIS A 517 -25.62 10.01 -20.75
N LYS B 1 1.82 -1.46 0.72
CA LYS B 1 1.85 -0.02 0.37
C LYS B 1 1.16 0.81 1.44
N LEU B 2 1.56 2.07 1.56
CA LEU B 2 1.04 2.94 2.62
C LEU B 2 -0.24 3.63 2.20
N LYS B 3 -1.25 3.62 3.07
CA LYS B 3 -2.50 4.28 2.73
C LYS B 3 -2.79 5.37 3.78
#